data_3A0C
#
_entry.id   3A0C
#
_cell.length_a   39.308
_cell.length_b   48.317
_cell.length_c   112.221
_cell.angle_alpha   90.00
_cell.angle_beta   90.12
_cell.angle_gamma   90.00
#
_symmetry.space_group_name_H-M   'P 1 21 1'
#
loop_
_entity.id
_entity.type
_entity.pdbx_description
1 polymer 'Mannose/sialic acid-binding lectin'
2 water water
#
_entity_poly.entity_id   1
_entity_poly.type   'polypeptide(L)'
_entity_poly.pdbx_seq_one_letter_code
;VNSLSSPNSLFTGHSLEVGPSYRLIMQGDCNFVLYDSGKPVWASNTGGLGSGCRLTLHNNGNLVIYDQSNRVIWQTKTNG
KEDHYVLVLQQDRNVVIYGPVVWATGSGPA
;
_entity_poly.pdbx_strand_id   A,B,C,D
#
# COMPACT_ATOMS: atom_id res chain seq x y z
N VAL A 1 -21.03 -3.82 -5.23
CA VAL A 1 -20.57 -3.08 -4.02
C VAL A 1 -20.49 -1.59 -4.35
N ASN A 2 -20.99 -0.73 -3.47
CA ASN A 2 -20.91 0.69 -3.72
C ASN A 2 -20.18 1.39 -2.58
N SER A 3 -19.23 0.67 -1.96
CA SER A 3 -18.45 1.25 -0.86
C SER A 3 -17.02 0.74 -0.87
N LEU A 4 -16.12 1.55 -0.35
CA LEU A 4 -14.70 1.21 -0.26
C LEU A 4 -14.28 1.67 1.12
N SER A 5 -13.91 0.75 1.99
CA SER A 5 -13.52 1.13 3.34
C SER A 5 -12.03 1.06 3.65
N SER A 6 -11.59 1.96 4.51
CA SER A 6 -10.19 2.05 4.93
C SER A 6 -9.63 0.69 5.37
N PRO A 7 -8.43 0.32 4.93
CA PRO A 7 -7.52 1.08 4.05
C PRO A 7 -7.49 0.39 2.69
N ASN A 8 -8.66 -0.08 2.26
CA ASN A 8 -8.79 -0.75 0.99
C ASN A 8 -8.50 0.17 -0.19
N SER A 9 -8.39 -0.44 -1.37
CA SER A 9 -8.09 0.32 -2.56
C SER A 9 -8.88 -0.15 -3.77
N LEU A 10 -9.04 0.74 -4.73
CA LEU A 10 -9.71 0.45 -5.99
C LEU A 10 -8.60 0.46 -7.06
N PHE A 11 -8.08 -0.71 -7.39
CA PHE A 11 -7.01 -0.78 -8.38
C PHE A 11 -7.51 -0.45 -9.78
N THR A 12 -6.58 -0.40 -10.73
CA THR A 12 -6.92 -0.07 -12.12
C THR A 12 -8.05 -0.93 -12.64
N GLY A 13 -9.03 -0.28 -13.25
CA GLY A 13 -10.16 -1.01 -13.78
C GLY A 13 -11.28 -1.27 -12.80
N HIS A 14 -11.00 -1.19 -11.50
CA HIS A 14 -12.04 -1.45 -10.50
C HIS A 14 -13.02 -0.29 -10.32
N SER A 15 -14.23 -0.60 -9.84
CA SER A 15 -15.24 0.43 -9.66
C SER A 15 -16.31 0.06 -8.65
N LEU A 16 -17.05 1.07 -8.22
CA LEU A 16 -18.17 0.89 -7.28
C LEU A 16 -19.37 1.17 -8.15
N GLU A 17 -20.51 0.55 -7.84
CA GLU A 17 -21.68 0.79 -8.67
C GLU A 17 -22.91 0.77 -7.81
N VAL A 18 -23.85 1.65 -8.14
CA VAL A 18 -25.11 1.73 -7.40
C VAL A 18 -26.18 2.22 -8.36
N GLY A 19 -27.44 1.88 -8.07
CA GLY A 19 -28.54 2.30 -8.91
C GLY A 19 -28.83 3.78 -8.75
N PRO A 20 -29.52 4.40 -9.72
CA PRO A 20 -30.04 3.81 -10.95
C PRO A 20 -29.06 3.39 -12.05
N SER A 21 -28.02 4.19 -12.28
CA SER A 21 -27.03 3.88 -13.34
C SER A 21 -25.69 4.55 -13.07
N TYR A 22 -25.18 4.38 -11.85
CA TYR A 22 -23.92 5.00 -11.42
C TYR A 22 -22.75 4.02 -11.28
N ARG A 23 -21.59 4.47 -11.76
CA ARG A 23 -20.36 3.69 -11.69
C ARG A 23 -19.16 4.61 -11.45
N LEU A 24 -18.46 4.37 -10.35
CA LEU A 24 -17.29 5.15 -9.99
C LEU A 24 -16.11 4.25 -10.30
N ILE A 25 -15.36 4.60 -11.34
CA ILE A 25 -14.24 3.78 -11.77
C ILE A 25 -12.84 4.38 -11.73
N MET A 26 -11.86 3.53 -11.37
CA MET A 26 -10.46 3.92 -11.33
C MET A 26 -9.93 3.41 -12.66
N GLN A 27 -9.94 4.27 -13.66
CA GLN A 27 -9.50 3.91 -15.00
C GLN A 27 -8.02 3.64 -15.17
N GLY A 28 -7.68 3.03 -16.30
CA GLY A 28 -6.30 2.71 -16.58
C GLY A 28 -5.43 3.91 -16.92
N ASP A 29 -6.05 5.04 -17.25
CA ASP A 29 -5.33 6.25 -17.59
C ASP A 29 -5.11 7.12 -16.34
N CYS A 30 -5.45 6.55 -15.19
CA CYS A 30 -5.32 7.19 -13.88
C CYS A 30 -6.39 8.21 -13.58
N ASN A 31 -7.37 8.29 -14.45
CA ASN A 31 -8.43 9.25 -14.24
C ASN A 31 -9.52 8.59 -13.40
N PHE A 32 -9.81 9.18 -12.26
CA PHE A 32 -10.85 8.66 -11.39
C PHE A 32 -12.12 9.42 -11.72
N VAL A 33 -13.04 8.74 -12.41
CA VAL A 33 -14.28 9.37 -12.85
C VAL A 33 -15.60 8.67 -12.50
N LEU A 34 -16.63 9.49 -12.29
CA LEU A 34 -17.97 9.02 -11.96
C LEU A 34 -18.83 9.04 -13.21
N TYR A 35 -19.40 7.89 -13.58
CA TYR A 35 -20.25 7.80 -14.75
C TYR A 35 -21.72 7.67 -14.43
N ASP A 36 -22.54 8.35 -15.22
CA ASP A 36 -23.99 8.30 -15.05
C ASP A 36 -24.54 7.88 -16.41
N SER A 37 -24.87 6.59 -16.54
CA SER A 37 -25.38 6.04 -17.80
C SER A 37 -24.43 6.26 -18.98
N GLY A 38 -23.12 6.23 -18.71
CA GLY A 38 -22.18 6.42 -19.79
C GLY A 38 -21.70 7.85 -19.91
N LYS A 39 -22.29 8.73 -19.12
CA LYS A 39 -21.92 10.15 -19.15
C LYS A 39 -21.05 10.50 -17.94
N PRO A 40 -19.85 11.05 -18.20
CA PRO A 40 -18.98 11.41 -17.06
C PRO A 40 -19.53 12.67 -16.39
N VAL A 41 -19.98 12.54 -15.13
CA VAL A 41 -20.53 13.65 -14.37
C VAL A 41 -19.51 14.20 -13.37
N TRP A 42 -18.44 13.46 -13.15
CA TRP A 42 -17.39 13.89 -12.22
C TRP A 42 -16.08 13.15 -12.49
N ALA A 43 -14.95 13.80 -12.19
CA ALA A 43 -13.64 13.19 -12.38
C ALA A 43 -12.54 13.91 -11.64
N SER A 44 -11.47 13.18 -11.31
CA SER A 44 -10.33 13.76 -10.61
C SER A 44 -9.47 14.52 -11.64
N ASN A 45 -9.78 14.35 -12.91
CA ASN A 45 -9.06 15.05 -13.97
C ASN A 45 -7.57 14.72 -14.02
N THR A 46 -7.21 13.51 -13.60
CA THR A 46 -5.82 13.11 -13.62
C THR A 46 -5.52 12.14 -14.76
N GLY A 47 -6.42 12.11 -15.75
CA GLY A 47 -6.24 11.22 -16.88
C GLY A 47 -4.93 11.44 -17.61
N GLY A 48 -4.14 10.37 -17.74
CA GLY A 48 -2.87 10.47 -18.43
C GLY A 48 -1.70 10.87 -17.56
N LEU A 49 -1.95 11.07 -16.27
CA LEU A 49 -0.88 11.47 -15.35
C LEU A 49 -0.10 10.31 -14.74
N GLY A 50 -0.57 9.08 -14.96
CA GLY A 50 0.15 7.92 -14.42
C GLY A 50 -0.26 6.59 -15.03
N SER A 51 0.43 5.53 -14.62
CA SER A 51 0.15 4.19 -15.10
C SER A 51 -0.08 3.28 -13.90
N GLY A 52 -0.96 2.31 -14.06
CA GLY A 52 -1.22 1.39 -12.98
C GLY A 52 -1.69 2.07 -11.71
N CYS A 53 -2.53 3.09 -11.83
CA CYS A 53 -3.04 3.79 -10.66
C CYS A 53 -4.03 2.98 -9.82
N ARG A 54 -4.15 3.37 -8.55
CA ARG A 54 -5.07 2.76 -7.60
C ARG A 54 -5.57 3.89 -6.72
N LEU A 55 -6.80 3.78 -6.25
CA LEU A 55 -7.37 4.79 -5.38
C LEU A 55 -7.41 4.19 -3.99
N THR A 56 -6.62 4.73 -3.08
CA THR A 56 -6.57 4.21 -1.74
C THR A 56 -7.21 5.16 -0.75
N LEU A 57 -8.07 4.62 0.13
CA LEU A 57 -8.67 5.41 1.20
C LEU A 57 -7.94 4.97 2.49
N HIS A 58 -7.09 5.84 3.02
CA HIS A 58 -6.32 5.53 4.23
C HIS A 58 -7.18 5.59 5.48
N ASN A 59 -6.68 5.01 6.57
CA ASN A 59 -7.42 5.00 7.84
C ASN A 59 -7.56 6.36 8.48
N ASN A 60 -6.92 7.39 7.91
CA ASN A 60 -7.03 8.73 8.47
C ASN A 60 -8.00 9.61 7.69
N GLY A 61 -8.68 9.01 6.71
CA GLY A 61 -9.68 9.76 5.95
C GLY A 61 -9.17 10.38 4.68
N ASN A 62 -7.89 10.19 4.40
CA ASN A 62 -7.33 10.77 3.20
C ASN A 62 -7.49 9.83 2.02
N LEU A 63 -8.09 10.32 0.94
CA LEU A 63 -8.30 9.54 -0.27
C LEU A 63 -7.22 9.95 -1.28
N VAL A 64 -6.35 9.01 -1.66
CA VAL A 64 -5.24 9.29 -2.55
C VAL A 64 -5.14 8.42 -3.80
N ILE A 65 -4.68 9.02 -4.90
CA ILE A 65 -4.47 8.27 -6.14
C ILE A 65 -2.95 8.13 -6.30
N TYR A 66 -2.46 6.89 -6.41
CA TYR A 66 -1.04 6.63 -6.55
C TYR A 66 -0.77 5.99 -7.93
N ASP A 67 0.33 6.33 -8.58
CA ASP A 67 0.61 5.70 -9.86
C ASP A 67 1.25 4.37 -9.55
N GLN A 68 1.84 3.73 -10.55
CA GLN A 68 2.47 2.43 -10.35
C GLN A 68 3.78 2.55 -9.57
N SER A 69 4.34 3.75 -9.53
CA SER A 69 5.59 4.01 -8.81
C SER A 69 5.34 4.66 -7.46
N ASN A 70 4.11 4.54 -6.97
CA ASN A 70 3.71 5.11 -5.68
C ASN A 70 3.79 6.63 -5.57
N ARG A 71 3.63 7.33 -6.70
CA ARG A 71 3.66 8.78 -6.69
C ARG A 71 2.27 9.32 -6.41
N VAL A 72 2.18 10.35 -5.56
CA VAL A 72 0.89 10.96 -5.21
C VAL A 72 0.37 11.79 -6.36
N ILE A 73 -0.49 11.19 -7.17
CA ILE A 73 -1.06 11.86 -8.34
C ILE A 73 -2.23 12.79 -7.99
N TRP A 74 -2.97 12.44 -6.94
CA TRP A 74 -4.16 13.21 -6.52
C TRP A 74 -4.52 12.79 -5.09
N GLN A 75 -5.13 13.72 -4.35
CA GLN A 75 -5.52 13.44 -2.97
C GLN A 75 -6.54 14.47 -2.49
N THR A 76 -7.44 14.05 -1.62
CA THR A 76 -8.44 14.99 -1.11
C THR A 76 -7.80 15.73 0.05
N LYS A 77 -6.69 15.17 0.53
CA LYS A 77 -5.92 15.73 1.65
C LYS A 77 -6.79 15.95 2.90
N THR A 78 -7.83 15.13 3.03
CA THR A 78 -8.76 15.22 4.16
C THR A 78 -8.39 14.20 5.23
N ASN A 79 -7.12 14.18 5.61
CA ASN A 79 -6.68 13.24 6.61
C ASN A 79 -6.73 13.81 8.02
N GLY A 80 -7.38 13.06 8.92
CA GLY A 80 -7.49 13.51 10.29
C GLY A 80 -7.21 12.36 11.24
N LYS A 81 -8.12 12.15 12.18
CA LYS A 81 -7.98 11.07 13.17
C LYS A 81 -7.80 9.69 12.57
N GLU A 82 -6.71 9.06 13.00
CA GLU A 82 -6.36 7.71 12.57
C GLU A 82 -7.38 6.73 13.13
N ASP A 83 -8.28 6.24 12.29
CA ASP A 83 -9.34 5.33 12.73
C ASP A 83 -9.68 4.46 11.53
N HIS A 84 -10.94 4.50 11.10
CA HIS A 84 -11.43 3.76 9.93
C HIS A 84 -12.51 4.61 9.28
N TYR A 85 -12.44 4.73 7.95
CA TYR A 85 -13.37 5.52 7.15
C TYR A 85 -13.93 4.71 6.00
N VAL A 86 -14.85 5.31 5.26
CA VAL A 86 -15.49 4.63 4.13
C VAL A 86 -15.80 5.63 3.01
N LEU A 87 -15.67 5.19 1.77
CA LEU A 87 -15.95 5.99 0.60
C LEU A 87 -17.24 5.38 0.03
N VAL A 88 -18.31 6.16 -0.04
CA VAL A 88 -19.59 5.67 -0.51
C VAL A 88 -20.16 6.33 -1.79
N LEU A 89 -20.45 5.51 -2.79
CA LEU A 89 -21.10 5.96 -4.03
C LEU A 89 -22.60 5.78 -3.71
N GLN A 90 -23.31 6.90 -3.56
CA GLN A 90 -24.71 6.91 -3.18
C GLN A 90 -25.74 6.92 -4.31
N GLN A 91 -26.92 6.38 -4.02
CA GLN A 91 -28.00 6.35 -4.99
C GLN A 91 -28.40 7.78 -5.42
N ASP A 92 -28.02 8.79 -4.64
CA ASP A 92 -28.34 10.18 -4.99
C ASP A 92 -27.20 10.72 -5.85
N ARG A 93 -26.32 9.80 -6.23
CA ARG A 93 -25.17 10.05 -7.08
C ARG A 93 -24.01 10.83 -6.47
N ASN A 94 -24.11 11.16 -5.19
CA ASN A 94 -23.02 11.89 -4.54
C ASN A 94 -22.05 10.83 -4.00
N VAL A 95 -20.75 11.11 -4.07
CA VAL A 95 -19.71 10.21 -3.58
C VAL A 95 -19.11 10.84 -2.33
N VAL A 96 -19.37 10.21 -1.19
CA VAL A 96 -18.96 10.72 0.11
C VAL A 96 -18.03 9.83 0.94
N ILE A 97 -17.14 10.50 1.68
CA ILE A 97 -16.21 9.83 2.59
C ILE A 97 -16.76 10.10 4.00
N TYR A 98 -16.98 9.04 4.78
CA TYR A 98 -17.48 9.18 6.15
C TYR A 98 -16.50 8.56 7.14
N GLY A 99 -16.54 9.06 8.37
CA GLY A 99 -15.66 8.53 9.40
C GLY A 99 -15.47 9.53 10.55
N PRO A 100 -14.92 9.09 11.69
CA PRO A 100 -14.49 7.70 11.93
C PRO A 100 -15.66 6.73 12.17
N VAL A 101 -15.34 5.56 12.70
CA VAL A 101 -16.34 4.56 13.00
C VAL A 101 -17.12 4.98 14.26
N VAL A 102 -18.44 4.85 14.21
CA VAL A 102 -19.28 5.24 15.35
C VAL A 102 -19.81 3.99 16.07
N TRP A 103 -20.09 2.96 15.30
CA TRP A 103 -20.66 1.73 15.80
C TRP A 103 -20.49 0.63 14.77
N ALA A 104 -20.47 -0.62 15.24
CA ALA A 104 -20.35 -1.79 14.36
C ALA A 104 -21.02 -2.97 15.03
N THR A 105 -21.43 -3.96 14.24
CA THR A 105 -22.09 -5.14 14.79
C THR A 105 -21.07 -6.14 15.35
N GLY A 106 -19.86 -6.13 14.79
CA GLY A 106 -18.85 -7.07 15.24
C GLY A 106 -19.06 -8.40 14.55
N SER A 107 -19.95 -8.39 13.56
CA SER A 107 -20.24 -9.59 12.77
C SER A 107 -19.11 -9.88 11.78
N GLY A 108 -18.15 -8.95 11.70
CA GLY A 108 -17.00 -9.09 10.82
C GLY A 108 -15.82 -8.50 11.57
N PRO A 109 -14.60 -8.51 11.00
CA PRO A 109 -14.25 -9.05 9.69
C PRO A 109 -14.24 -10.56 9.63
N VAL B 1 -27.34 -2.37 -3.43
CA VAL B 1 -26.84 -1.29 -2.55
C VAL B 1 -26.49 -1.89 -1.20
N ASN B 2 -25.31 -1.55 -0.66
CA ASN B 2 -24.93 -2.08 0.65
C ASN B 2 -24.68 -0.96 1.65
N SER B 3 -25.35 0.18 1.45
CA SER B 3 -25.21 1.33 2.32
C SER B 3 -26.54 2.07 2.48
N LEU B 4 -26.72 2.71 3.64
CA LEU B 4 -27.92 3.49 3.96
C LEU B 4 -27.37 4.77 4.58
N SER B 5 -27.57 5.91 3.95
CA SER B 5 -27.05 7.16 4.50
C SER B 5 -28.10 8.09 5.09
N SER B 6 -27.70 8.85 6.11
CA SER B 6 -28.56 9.80 6.83
C SER B 6 -29.32 10.73 5.91
N PRO B 7 -30.63 10.95 6.16
CA PRO B 7 -31.47 10.41 7.21
C PRO B 7 -32.43 9.38 6.57
N ASN B 8 -31.90 8.59 5.65
CA ASN B 8 -32.68 7.57 4.96
C ASN B 8 -33.11 6.47 5.88
N SER B 9 -34.03 5.65 5.40
CA SER B 9 -34.57 4.56 6.17
C SER B 9 -34.73 3.27 5.37
N LEU B 10 -34.74 2.14 6.08
CA LEU B 10 -34.94 0.83 5.49
C LEU B 10 -36.32 0.40 5.99
N PHE B 11 -37.33 0.57 5.16
CA PHE B 11 -38.68 0.18 5.55
C PHE B 11 -38.86 -1.33 5.61
N THR B 12 -40.03 -1.77 6.06
CA THR B 12 -40.30 -3.19 6.20
C THR B 12 -40.03 -3.95 4.93
N GLY B 13 -39.25 -5.02 5.06
CA GLY B 13 -38.90 -5.83 3.92
C GLY B 13 -37.70 -5.37 3.13
N HIS B 14 -37.20 -4.15 3.41
CA HIS B 14 -36.02 -3.63 2.68
C HIS B 14 -34.72 -4.15 3.26
N SER B 15 -33.70 -4.22 2.42
CA SER B 15 -32.41 -4.73 2.86
C SER B 15 -31.20 -4.20 2.08
N LEU B 16 -30.02 -4.41 2.67
CA LEU B 16 -28.75 -4.02 2.03
C LEU B 16 -28.13 -5.37 1.70
N GLU B 17 -27.34 -5.44 0.65
CA GLU B 17 -26.74 -6.72 0.32
C GLU B 17 -25.37 -6.53 -0.24
N VAL B 18 -24.46 -7.42 0.14
CA VAL B 18 -23.09 -7.34 -0.36
C VAL B 18 -22.53 -8.75 -0.43
N GLY B 19 -21.56 -8.96 -1.33
CA GLY B 19 -20.94 -10.27 -1.47
C GLY B 19 -20.07 -10.58 -0.25
N PRO B 20 -19.77 -11.86 -0.02
CA PRO B 20 -20.19 -13.04 -0.81
C PRO B 20 -21.67 -13.46 -0.74
N SER B 21 -22.29 -13.38 0.44
CA SER B 21 -23.69 -13.80 0.59
C SER B 21 -24.35 -13.15 1.81
N TYR B 22 -24.16 -11.84 1.92
CA TYR B 22 -24.70 -11.08 3.04
C TYR B 22 -25.92 -10.21 2.71
N ARG B 23 -26.89 -10.21 3.62
CA ARG B 23 -28.12 -9.42 3.44
C ARG B 23 -28.58 -8.92 4.80
N LEU B 24 -28.68 -7.61 4.93
CA LEU B 24 -29.13 -6.97 6.17
C LEU B 24 -30.57 -6.54 5.93
N ILE B 25 -31.50 -7.19 6.60
CA ILE B 25 -32.89 -6.90 6.35
C ILE B 25 -33.74 -6.39 7.50
N MET B 26 -34.67 -5.49 7.19
CA MET B 26 -35.59 -4.95 8.16
C MET B 26 -36.86 -5.77 7.92
N GLN B 27 -37.01 -6.83 8.70
CA GLN B 27 -38.14 -7.72 8.54
C GLN B 27 -39.46 -7.16 8.98
N GLY B 28 -40.52 -7.84 8.59
CA GLY B 28 -41.86 -7.41 8.94
C GLY B 28 -42.25 -7.62 10.40
N ASP B 29 -41.51 -8.47 11.11
CA ASP B 29 -41.77 -8.73 12.52
C ASP B 29 -40.99 -7.74 13.40
N CYS B 30 -40.38 -6.74 12.76
CA CYS B 30 -39.58 -5.68 13.39
C CYS B 30 -38.20 -6.10 13.78
N ASN B 31 -37.81 -7.31 13.41
CA ASN B 31 -36.50 -7.79 13.78
C ASN B 31 -35.51 -7.37 12.71
N PHE B 32 -34.47 -6.67 13.13
CA PHE B 32 -33.46 -6.22 12.20
C PHE B 32 -32.34 -7.23 12.29
N VAL B 33 -32.22 -8.07 11.27
CA VAL B 33 -31.21 -9.13 11.26
C VAL B 33 -30.28 -9.23 10.03
N LEU B 34 -29.08 -9.71 10.29
CA LEU B 34 -28.04 -9.89 9.28
C LEU B 34 -27.92 -11.35 8.92
N TYR B 35 -28.16 -11.68 7.65
CA TYR B 35 -28.09 -13.06 7.17
C TYR B 35 -26.81 -13.36 6.43
N ASP B 36 -26.32 -14.57 6.61
CA ASP B 36 -25.13 -15.03 5.92
C ASP B 36 -25.54 -16.34 5.28
N SER B 37 -25.85 -16.30 3.98
CA SER B 37 -26.30 -17.47 3.23
C SER B 37 -27.53 -18.14 3.83
N GLY B 38 -28.43 -17.38 4.44
CA GLY B 38 -29.59 -18.04 5.03
C GLY B 38 -29.47 -18.25 6.53
N LYS B 39 -28.28 -17.99 7.05
CA LYS B 39 -28.00 -18.12 8.47
C LYS B 39 -27.95 -16.77 9.18
N PRO B 40 -28.80 -16.59 10.21
CA PRO B 40 -28.80 -15.31 10.94
C PRO B 40 -27.57 -15.21 11.84
N VAL B 41 -26.65 -14.31 11.49
CA VAL B 41 -25.41 -14.13 12.24
C VAL B 41 -25.51 -12.98 13.22
N TRP B 42 -26.52 -12.13 13.02
CA TRP B 42 -26.73 -11.01 13.91
C TRP B 42 -28.19 -10.51 13.86
N ALA B 43 -28.65 -9.92 14.96
CA ALA B 43 -30.02 -9.37 15.01
C ALA B 43 -30.26 -8.40 16.17
N SER B 44 -31.17 -7.47 15.97
CA SER B 44 -31.54 -6.49 17.00
C SER B 44 -32.38 -7.18 18.07
N ASN B 45 -32.82 -8.41 17.79
CA ASN B 45 -33.63 -9.19 18.72
C ASN B 45 -34.95 -8.54 19.08
N THR B 46 -35.49 -7.76 18.16
CA THR B 46 -36.75 -7.07 18.42
C THR B 46 -37.92 -7.73 17.68
N GLY B 47 -37.70 -8.97 17.22
CA GLY B 47 -38.73 -9.67 16.50
C GLY B 47 -40.01 -9.80 17.29
N GLY B 48 -41.10 -9.32 16.71
CA GLY B 48 -42.41 -9.38 17.37
C GLY B 48 -42.74 -8.20 18.26
N LEU B 49 -41.86 -7.21 18.33
CA LEU B 49 -42.09 -6.05 19.17
C LEU B 49 -42.86 -4.92 18.51
N GLY B 50 -43.09 -5.03 17.22
CA GLY B 50 -43.83 -3.97 16.53
C GLY B 50 -44.33 -4.36 15.15
N SER B 51 -45.07 -3.45 14.53
CA SER B 51 -45.62 -3.68 13.20
C SER B 51 -45.22 -2.52 12.29
N GLY B 52 -44.96 -2.84 11.02
CA GLY B 52 -44.58 -1.82 10.07
C GLY B 52 -43.36 -1.03 10.49
N CYS B 53 -42.37 -1.73 11.01
CA CYS B 53 -41.13 -1.09 11.45
C CYS B 53 -40.26 -0.60 10.31
N ARG B 54 -39.40 0.37 10.63
CA ARG B 54 -38.43 0.93 9.68
C ARG B 54 -37.17 1.23 10.47
N LEU B 55 -36.03 1.12 9.81
CA LEU B 55 -34.76 1.39 10.45
C LEU B 55 -34.30 2.71 9.87
N THR B 56 -34.24 3.71 10.73
CA THR B 56 -33.83 5.05 10.33
C THR B 56 -32.46 5.41 10.90
N LEU B 57 -31.58 5.91 10.04
CA LEU B 57 -30.27 6.38 10.50
C LEU B 57 -30.39 7.91 10.44
N HIS B 58 -30.42 8.56 11.60
CA HIS B 58 -30.55 10.01 11.68
C HIS B 58 -29.24 10.72 11.36
N ASN B 59 -29.34 12.02 11.07
CA ASN B 59 -28.16 12.82 10.75
C ASN B 59 -27.18 12.99 11.91
N ASN B 60 -27.55 12.55 13.11
CA ASN B 60 -26.65 12.66 14.26
C ASN B 60 -25.94 11.36 14.58
N GLY B 61 -26.12 10.37 13.71
CA GLY B 61 -25.46 9.09 13.90
C GLY B 61 -26.22 8.04 14.67
N ASN B 62 -27.41 8.39 15.15
CA ASN B 62 -28.23 7.44 15.91
C ASN B 62 -29.05 6.58 14.97
N LEU B 63 -28.91 5.26 15.12
CA LEU B 63 -29.64 4.30 14.32
C LEU B 63 -30.84 3.80 15.15
N VAL B 64 -32.06 4.08 14.67
CA VAL B 64 -33.29 3.73 15.40
C VAL B 64 -34.33 2.87 14.66
N ILE B 65 -34.99 1.96 15.37
CA ILE B 65 -36.04 1.13 14.81
C ILE B 65 -37.35 1.65 15.39
N TYR B 66 -38.25 2.12 14.53
CA TYR B 66 -39.54 2.67 14.93
C TYR B 66 -40.66 1.75 14.45
N ASP B 67 -41.71 1.57 15.25
CA ASP B 67 -42.81 0.72 14.83
C ASP B 67 -43.71 1.59 13.96
N GLN B 68 -44.87 1.07 13.58
CA GLN B 68 -45.79 1.82 12.73
C GLN B 68 -46.42 3.02 13.44
N SER B 69 -46.33 3.05 14.77
CA SER B 69 -46.87 4.16 15.57
C SER B 69 -45.76 5.10 16.08
N ASN B 70 -44.60 5.04 15.44
CA ASN B 70 -43.45 5.87 15.78
C ASN B 70 -42.88 5.65 17.18
N ARG B 71 -42.98 4.44 17.68
CA ARG B 71 -42.44 4.12 18.99
C ARG B 71 -41.01 3.62 18.83
N VAL B 72 -40.11 4.10 19.67
CA VAL B 72 -38.70 3.67 19.63
C VAL B 72 -38.60 2.26 20.15
N ILE B 73 -38.48 1.30 19.23
CA ILE B 73 -38.36 -0.12 19.55
C ILE B 73 -36.91 -0.50 19.87
N TRP B 74 -35.96 0.16 19.20
CA TRP B 74 -34.56 -0.14 19.36
C TRP B 74 -33.75 1.03 18.86
N GLN B 75 -32.54 1.21 19.41
CA GLN B 75 -31.67 2.30 19.00
C GLN B 75 -30.27 2.01 19.49
N THR B 76 -29.27 2.45 18.72
CA THR B 76 -27.87 2.25 19.12
C THR B 76 -27.52 3.38 20.08
N LYS B 77 -28.34 4.42 20.07
CA LYS B 77 -28.15 5.60 20.92
C LYS B 77 -26.76 6.24 20.74
N THR B 78 -26.21 6.10 19.54
CA THR B 78 -24.91 6.64 19.22
C THR B 78 -25.07 7.98 18.50
N ASN B 79 -25.88 8.87 19.06
CA ASN B 79 -26.09 10.15 18.42
C ASN B 79 -25.12 11.21 18.89
N GLY B 80 -24.49 11.90 17.95
CA GLY B 80 -23.55 12.94 18.31
C GLY B 80 -23.76 14.16 17.44
N LYS B 81 -22.68 14.63 16.81
CA LYS B 81 -22.72 15.81 15.95
C LYS B 81 -23.69 15.71 14.79
N GLU B 82 -24.57 16.69 14.73
CA GLU B 82 -25.60 16.79 13.69
C GLU B 82 -24.89 17.06 12.37
N ASP B 83 -24.77 16.04 11.54
CA ASP B 83 -24.11 16.19 10.25
C ASP B 83 -24.78 15.21 9.30
N HIS B 84 -24.01 14.26 8.77
CA HIS B 84 -24.49 13.21 7.88
C HIS B 84 -23.63 11.99 8.14
N TYR B 85 -24.28 10.83 8.24
CA TYR B 85 -23.60 9.57 8.52
C TYR B 85 -24.06 8.50 7.54
N VAL B 86 -23.46 7.32 7.64
CA VAL B 86 -23.80 6.21 6.75
C VAL B 86 -23.72 4.87 7.49
N LEU B 87 -24.61 3.95 7.10
CA LEU B 87 -24.65 2.60 7.66
C LEU B 87 -24.13 1.70 6.53
N VAL B 88 -23.02 1.01 6.77
CA VAL B 88 -22.45 0.13 5.73
C VAL B 88 -22.33 -1.37 6.03
N LEU B 89 -22.96 -2.18 5.19
CA LEU B 89 -22.87 -3.64 5.28
C LEU B 89 -21.63 -3.93 4.43
N GLN B 90 -20.55 -4.37 5.10
CA GLN B 90 -19.28 -4.63 4.46
C GLN B 90 -19.03 -6.06 3.99
N GLN B 91 -18.15 -6.20 2.99
CA GLN B 91 -17.81 -7.51 2.45
C GLN B 91 -17.13 -8.40 3.49
N ASP B 92 -16.68 -7.80 4.59
CA ASP B 92 -16.04 -8.55 5.67
C ASP B 92 -17.14 -8.94 6.68
N ARG B 93 -18.36 -8.71 6.26
CA ARG B 93 -19.57 -9.01 7.01
C ARG B 93 -19.88 -8.16 8.23
N ASN B 94 -19.05 -7.17 8.52
CA ASN B 94 -19.31 -6.29 9.66
C ASN B 94 -20.23 -5.14 9.20
N VAL B 95 -21.20 -4.77 10.02
CA VAL B 95 -22.10 -3.68 9.66
C VAL B 95 -21.69 -2.47 10.51
N VAL B 96 -21.23 -1.42 9.84
CA VAL B 96 -20.73 -0.23 10.53
C VAL B 96 -21.41 1.08 10.22
N ILE B 97 -21.44 1.97 11.21
CA ILE B 97 -21.96 3.32 11.05
C ILE B 97 -20.72 4.25 11.07
N TYR B 98 -20.57 5.06 10.02
CA TYR B 98 -19.46 6.02 9.91
C TYR B 98 -19.98 7.45 9.84
N GLY B 99 -19.16 8.42 10.28
CA GLY B 99 -19.57 9.81 10.23
C GLY B 99 -18.79 10.67 11.20
N PRO B 100 -18.84 12.02 11.06
CA PRO B 100 -19.59 12.74 10.03
C PRO B 100 -18.95 12.65 8.64
N VAL B 101 -19.36 13.56 7.77
CA VAL B 101 -18.83 13.59 6.40
C VAL B 101 -17.44 14.22 6.43
N VAL B 102 -16.49 13.62 5.73
CA VAL B 102 -15.14 14.16 5.71
C VAL B 102 -14.86 14.83 4.36
N TRP B 103 -15.45 14.28 3.30
CA TRP B 103 -15.25 14.80 1.96
C TRP B 103 -16.34 14.24 1.05
N ALA B 104 -16.58 14.89 -0.08
CA ALA B 104 -17.59 14.46 -1.04
C ALA B 104 -17.19 15.03 -2.38
N THR B 105 -17.68 14.43 -3.47
CA THR B 105 -17.34 14.92 -4.81
C THR B 105 -18.27 16.07 -5.23
N GLY B 106 -19.47 16.09 -4.66
CA GLY B 106 -20.43 17.11 -5.02
C GLY B 106 -21.14 16.73 -6.32
N SER B 107 -20.96 15.49 -6.75
CA SER B 107 -21.59 15.00 -7.97
C SER B 107 -23.05 14.70 -7.70
N GLY B 108 -23.42 14.77 -6.43
CA GLY B 108 -24.80 14.54 -6.05
C GLY B 108 -25.13 15.58 -4.99
N PRO B 109 -26.35 15.62 -4.46
CA PRO B 109 -27.49 14.74 -4.78
C PRO B 109 -28.09 15.05 -6.14
N VAL C 1 17.93 -5.53 7.04
CA VAL C 1 17.89 -5.16 5.60
C VAL C 1 18.62 -3.83 5.40
N ASN C 2 19.45 -3.75 4.37
CA ASN C 2 20.16 -2.51 4.11
C ASN C 2 19.88 -2.00 2.71
N SER C 3 18.67 -2.29 2.22
CA SER C 3 18.24 -1.84 0.89
C SER C 3 16.76 -1.50 0.87
N LEU C 4 16.38 -0.58 -0.01
CA LEU C 4 14.98 -0.17 -0.19
C LEU C 4 14.79 -0.09 -1.71
N SER C 5 13.94 -0.95 -2.28
CA SER C 5 13.76 -0.93 -3.72
C SER C 5 12.44 -0.33 -4.21
N SER C 6 12.48 0.27 -5.40
CA SER C 6 11.33 0.90 -6.04
C SER C 6 10.13 -0.02 -6.09
N PRO C 7 8.93 0.47 -5.73
CA PRO C 7 8.62 1.82 -5.29
C PRO C 7 8.33 1.80 -3.79
N ASN C 8 9.10 0.99 -3.07
CA ASN C 8 8.92 0.87 -1.64
C ASN C 8 9.21 2.15 -0.90
N SER C 9 8.86 2.18 0.38
CA SER C 9 9.04 3.37 1.20
C SER C 9 9.51 3.04 2.60
N LEU C 10 10.16 4.01 3.24
CA LEU C 10 10.64 3.90 4.61
C LEU C 10 9.75 4.85 5.42
N PHE C 11 8.73 4.31 6.07
CA PHE C 11 7.84 5.15 6.84
C PHE C 11 8.50 5.66 8.12
N THR C 12 7.80 6.52 8.84
CA THR C 12 8.33 7.10 10.07
C THR C 12 8.86 6.04 11.03
N GLY C 13 10.09 6.24 11.48
CA GLY C 13 10.70 5.30 12.40
C GLY C 13 11.42 4.14 11.75
N HIS C 14 11.18 3.90 10.47
CA HIS C 14 11.84 2.79 9.77
C HIS C 14 13.27 3.13 9.39
N SER C 15 14.10 2.10 9.22
CA SER C 15 15.49 2.33 8.88
C SER C 15 16.16 1.12 8.21
N LEU C 16 17.30 1.39 7.59
CA LEU C 16 18.10 0.36 6.94
C LEU C 16 19.31 0.28 7.85
N GLU C 17 19.95 -0.88 7.93
CA GLU C 17 21.10 -1.02 8.81
C GLU C 17 22.10 -1.98 8.19
N VAL C 18 23.37 -1.65 8.33
CA VAL C 18 24.44 -2.49 7.79
C VAL C 18 25.67 -2.33 8.68
N GLY C 19 26.51 -3.36 8.74
CA GLY C 19 27.71 -3.27 9.55
C GLY C 19 28.70 -2.27 8.96
N PRO C 20 29.66 -1.77 9.77
CA PRO C 20 29.88 -2.09 11.18
C PRO C 20 28.87 -1.53 12.19
N SER C 21 28.47 -0.27 12.01
CA SER C 21 27.50 0.36 12.93
C SER C 21 26.70 1.48 12.26
N TYR C 22 26.14 1.17 11.09
CA TYR C 22 25.38 2.14 10.31
C TYR C 22 23.86 1.91 10.32
N ARG C 23 23.12 3.01 10.44
CA ARG C 23 21.66 2.99 10.46
C ARG C 23 21.11 4.21 9.73
N LEU C 24 20.36 3.98 8.66
CA LEU C 24 19.74 5.06 7.90
C LEU C 24 18.27 5.09 8.32
N ILE C 25 17.90 6.10 9.08
CA ILE C 25 16.52 6.19 9.58
C ILE C 25 15.65 7.37 9.13
N MET C 26 14.37 7.08 8.94
CA MET C 26 13.38 8.08 8.56
C MET C 26 12.73 8.43 9.88
N GLN C 27 13.26 9.46 10.54
CA GLN C 27 12.77 9.88 11.85
C GLN C 27 11.38 10.49 11.85
N GLY C 28 10.82 10.62 13.04
CA GLY C 28 9.49 11.19 13.20
C GLY C 28 9.40 12.69 12.98
N ASP C 29 10.54 13.37 13.01
CA ASP C 29 10.60 14.80 12.80
C ASP C 29 10.79 15.12 11.30
N CYS C 30 10.71 14.09 10.48
CA CYS C 30 10.87 14.17 9.02
C CYS C 30 12.30 14.33 8.56
N ASN C 31 13.24 14.22 9.49
CA ASN C 31 14.64 14.36 9.14
C ASN C 31 15.16 13.00 8.75
N PHE C 32 15.67 12.90 7.53
CA PHE C 32 16.23 11.63 7.05
C PHE C 32 17.72 11.69 7.32
N VAL C 33 18.17 10.93 8.32
CA VAL C 33 19.58 10.95 8.72
C VAL C 33 20.30 9.61 8.83
N LEU C 34 21.60 9.64 8.52
CA LEU C 34 22.49 8.47 8.55
C LEU C 34 23.32 8.50 9.83
N TYR C 35 23.18 7.48 10.66
CA TYR C 35 23.91 7.38 11.91
C TYR C 35 25.09 6.41 11.87
N ASP C 36 26.18 6.82 12.51
CA ASP C 36 27.38 5.99 12.60
C ASP C 36 27.70 5.87 14.08
N SER C 37 27.28 4.76 14.68
CA SER C 37 27.48 4.50 16.11
C SER C 37 26.83 5.58 17.01
N GLY C 38 25.72 6.16 16.56
CA GLY C 38 25.08 7.18 17.35
C GLY C 38 25.44 8.58 16.92
N LYS C 39 26.36 8.66 15.97
CA LYS C 39 26.82 9.94 15.45
C LYS C 39 26.19 10.23 14.09
N PRO C 40 25.48 11.37 13.96
CA PRO C 40 24.86 11.69 12.66
C PRO C 40 25.96 12.14 11.67
N VAL C 41 26.20 11.32 10.64
CA VAL C 41 27.22 11.64 9.64
C VAL C 41 26.60 12.25 8.39
N TRP C 42 25.28 12.12 8.25
CA TRP C 42 24.58 12.67 7.09
C TRP C 42 23.10 12.87 7.38
N ALA C 43 22.45 13.82 6.71
CA ALA C 43 21.03 14.08 6.91
C ALA C 43 20.42 14.94 5.81
N SER C 44 19.13 14.79 5.59
CA SER C 44 18.41 15.57 4.58
C SER C 44 18.14 16.99 5.11
N ASN C 45 18.40 17.19 6.40
CA ASN C 45 18.22 18.49 7.04
C ASN C 45 16.79 18.99 6.99
N THR C 46 15.83 18.07 6.95
CA THR C 46 14.42 18.46 6.90
C THR C 46 13.72 18.26 8.26
N GLY C 47 14.52 18.13 9.32
CA GLY C 47 13.95 17.94 10.65
C GLY C 47 13.00 19.04 11.05
N GLY C 48 11.78 18.66 11.41
CA GLY C 48 10.76 19.62 11.81
C GLY C 48 9.94 20.22 10.68
N LEU C 49 10.19 19.78 9.46
CA LEU C 49 9.47 20.30 8.30
C LEU C 49 8.15 19.60 7.99
N GLY C 50 7.88 18.49 8.68
CA GLY C 50 6.64 17.78 8.45
C GLY C 50 6.30 16.75 9.51
N SER C 51 5.15 16.12 9.38
CA SER C 51 4.73 15.09 10.32
C SER C 51 4.36 13.82 9.55
N GLY C 52 4.59 12.67 10.17
CA GLY C 52 4.29 11.41 9.52
C GLY C 52 4.95 11.23 8.16
N CYS C 53 6.21 11.64 8.06
CA CYS C 53 6.95 11.52 6.80
C CYS C 53 7.35 10.08 6.44
N ARG C 54 7.59 9.88 5.16
CA ARG C 54 8.02 8.60 4.64
C ARG C 54 9.01 8.92 3.51
N LEU C 55 9.96 8.02 3.30
CA LEU C 55 10.93 8.21 2.23
C LEU C 55 10.59 7.21 1.14
N THR C 56 10.15 7.71 0.00
CA THR C 56 9.77 6.84 -1.09
C THR C 56 10.77 6.91 -2.23
N LEU C 57 11.15 5.75 -2.75
CA LEU C 57 12.05 5.68 -3.91
C LEU C 57 11.15 5.24 -5.07
N HIS C 58 10.85 6.16 -5.98
CA HIS C 58 9.99 5.86 -7.13
C HIS C 58 10.68 5.02 -8.19
N ASN C 59 9.89 4.41 -9.07
CA ASN C 59 10.43 3.56 -10.12
C ASN C 59 11.25 4.31 -11.16
N ASN C 60 11.30 5.64 -11.06
CA ASN C 60 12.07 6.41 -12.02
C ASN C 60 13.41 6.89 -11.44
N GLY C 61 13.71 6.45 -10.22
CA GLY C 61 14.98 6.82 -9.61
C GLY C 61 14.93 8.02 -8.69
N ASN C 62 13.76 8.65 -8.59
CA ASN C 62 13.64 9.82 -7.73
C ASN C 62 13.32 9.39 -6.29
N LEU C 63 14.14 9.87 -5.36
CA LEU C 63 13.97 9.58 -3.94
C LEU C 63 13.31 10.81 -3.32
N VAL C 64 12.11 10.63 -2.80
CA VAL C 64 11.34 11.74 -2.23
C VAL C 64 10.87 11.57 -0.77
N ILE C 65 10.84 12.68 -0.03
CA ILE C 65 10.35 12.66 1.35
C ILE C 65 9.02 13.40 1.33
N TYR C 66 7.94 12.71 1.72
CA TYR C 66 6.59 13.29 1.74
C TYR C 66 6.11 13.41 3.19
N ASP C 67 5.38 14.49 3.50
CA ASP C 67 4.86 14.63 4.86
C ASP C 67 3.57 13.81 4.93
N GLN C 68 2.81 13.94 6.02
CA GLN C 68 1.59 13.17 6.15
C GLN C 68 0.49 13.65 5.20
N SER C 69 0.65 14.85 4.67
CA SER C 69 -0.32 15.43 3.73
C SER C 69 0.18 15.34 2.27
N ASN C 70 1.13 14.44 2.04
CA ASN C 70 1.73 14.22 0.72
C ASN C 70 2.45 15.40 0.10
N ARG C 71 3.03 16.25 0.94
CA ARG C 71 3.76 17.42 0.45
C ARG C 71 5.22 17.05 0.23
N VAL C 72 5.77 17.47 -0.90
CA VAL C 72 7.17 17.18 -1.22
C VAL C 72 8.07 18.01 -0.33
N ILE C 73 8.59 17.38 0.72
CA ILE C 73 9.47 18.02 1.69
C ILE C 73 10.95 18.02 1.24
N TRP C 74 11.32 16.98 0.49
CA TRP C 74 12.71 16.81 0.02
C TRP C 74 12.72 15.78 -1.11
N GLN C 75 13.67 15.92 -2.03
CA GLN C 75 13.80 15.01 -3.16
C GLN C 75 15.17 15.15 -3.78
N THR C 76 15.71 14.05 -4.29
CA THR C 76 17.03 14.09 -4.94
C THR C 76 16.82 14.58 -6.37
N LYS C 77 15.56 14.50 -6.82
CA LYS C 77 15.16 14.92 -8.16
C LYS C 77 15.93 14.20 -9.25
N THR C 78 16.40 12.99 -8.94
CA THR C 78 17.18 12.18 -9.87
C THR C 78 16.28 11.19 -10.59
N ASN C 79 15.17 11.69 -11.11
CA ASN C 79 14.24 10.82 -11.82
C ASN C 79 14.53 10.71 -13.30
N GLY C 80 14.62 9.48 -13.80
CA GLY C 80 14.88 9.26 -15.20
C GLY C 80 13.99 8.16 -15.74
N LYS C 81 14.60 7.19 -16.40
CA LYS C 81 13.87 6.07 -16.99
C LYS C 81 13.00 5.31 -16.02
N GLU C 82 11.71 5.22 -16.38
CA GLU C 82 10.70 4.52 -15.59
C GLU C 82 11.04 3.03 -15.64
N ASP C 83 11.62 2.51 -14.56
CA ASP C 83 12.01 1.09 -14.50
C ASP C 83 11.89 0.67 -13.04
N HIS C 84 13.00 0.19 -12.48
CA HIS C 84 13.06 -0.22 -11.07
C HIS C 84 14.45 0.12 -10.55
N TYR C 85 14.50 0.75 -9.38
CA TYR C 85 15.76 1.17 -8.76
C TYR C 85 15.87 0.66 -7.34
N VAL C 86 16.99 0.95 -6.70
CA VAL C 86 17.23 0.50 -5.33
C VAL C 86 18.07 1.54 -4.56
N LEU C 87 17.80 1.65 -3.26
CA LEU C 87 18.52 2.58 -2.38
C LEU C 87 19.33 1.67 -1.47
N VAL C 88 20.66 1.76 -1.53
CA VAL C 88 21.53 0.89 -0.73
C VAL C 88 22.43 1.56 0.32
N LEU C 89 22.28 1.15 1.57
CA LEU C 89 23.13 1.62 2.67
C LEU C 89 24.27 0.59 2.65
N GLN C 90 25.45 1.03 2.23
CA GLN C 90 26.62 0.17 2.09
C GLN C 90 27.55 0.08 3.30
N GLN C 91 28.28 -1.03 3.38
CA GLN C 91 29.20 -1.24 4.49
C GLN C 91 30.30 -0.19 4.51
N ASP C 92 30.52 0.49 3.37
CA ASP C 92 31.53 1.56 3.27
C ASP C 92 30.88 2.87 3.70
N ARG C 93 29.68 2.73 4.26
CA ARG C 93 28.86 3.80 4.80
C ARG C 93 28.26 4.80 3.79
N ASN C 94 28.45 4.57 2.50
CA ASN C 94 27.90 5.47 1.48
C ASN C 94 26.49 4.98 1.15
N VAL C 95 25.54 5.90 1.00
CA VAL C 95 24.16 5.54 0.66
C VAL C 95 23.93 5.86 -0.81
N VAL C 96 23.78 4.81 -1.61
CA VAL C 96 23.62 4.94 -3.07
C VAL C 96 22.31 4.45 -3.69
N ILE C 97 21.91 5.13 -4.76
CA ILE C 97 20.70 4.77 -5.53
C ILE C 97 21.25 4.20 -6.86
N TYR C 98 20.84 2.96 -7.18
CA TYR C 98 21.28 2.31 -8.42
C TYR C 98 20.06 1.99 -9.30
N GLY C 99 20.28 1.92 -10.60
CA GLY C 99 19.20 1.61 -11.52
C GLY C 99 19.47 2.06 -12.95
N PRO C 100 18.71 1.56 -13.94
CA PRO C 100 17.62 0.58 -13.78
C PRO C 100 18.08 -0.84 -13.50
N VAL C 101 17.16 -1.79 -13.67
CA VAL C 101 17.47 -3.19 -13.45
C VAL C 101 18.28 -3.70 -14.63
N VAL C 102 19.34 -4.47 -14.35
CA VAL C 102 20.20 -5.02 -15.40
C VAL C 102 19.97 -6.53 -15.56
N TRP C 103 19.68 -7.19 -14.46
CA TRP C 103 19.48 -8.63 -14.44
C TRP C 103 18.80 -9.03 -13.13
N ALA C 104 18.12 -10.16 -13.14
CA ALA C 104 17.43 -10.68 -11.96
C ALA C 104 17.31 -12.19 -12.11
N THR C 105 17.19 -12.88 -10.97
CA THR C 105 17.08 -14.33 -10.96
C THR C 105 15.65 -14.79 -11.27
N GLY C 106 14.67 -13.95 -10.97
CA GLY C 106 13.29 -14.32 -11.22
C GLY C 106 12.81 -15.23 -10.11
N SER C 107 13.61 -15.32 -9.04
CA SER C 107 13.25 -16.13 -7.89
C SER C 107 12.17 -15.42 -7.06
N GLY C 108 11.91 -14.16 -7.41
CA GLY C 108 10.90 -13.35 -6.75
C GLY C 108 10.18 -12.55 -7.82
N PRO C 109 9.16 -11.73 -7.47
CA PRO C 109 8.63 -11.49 -6.14
C PRO C 109 7.81 -12.63 -5.57
N VAL D 1 24.11 -8.12 5.75
CA VAL D 1 24.14 -7.34 4.48
C VAL D 1 23.43 -8.15 3.41
N ASN D 2 22.57 -7.50 2.61
CA ASN D 2 21.88 -8.20 1.52
C ASN D 2 22.19 -7.55 0.16
N SER D 3 23.37 -6.94 0.05
CA SER D 3 23.80 -6.29 -1.20
C SER D 3 25.30 -6.47 -1.46
N LEU D 4 25.67 -6.49 -2.73
CA LEU D 4 27.06 -6.61 -3.15
C LEU D 4 27.19 -5.60 -4.26
N SER D 5 28.01 -4.57 -4.05
CA SER D 5 28.22 -3.53 -5.07
C SER D 5 29.56 -3.59 -5.81
N SER D 6 29.53 -3.18 -7.07
CA SER D 6 30.69 -3.17 -7.97
C SER D 6 31.88 -2.47 -7.35
N PRO D 7 33.08 -3.05 -7.46
CA PRO D 7 33.41 -4.31 -8.13
C PRO D 7 33.73 -5.35 -7.06
N ASN D 8 32.94 -5.33 -6.00
CA ASN D 8 33.12 -6.26 -4.89
C ASN D 8 32.84 -7.70 -5.28
N SER D 9 33.25 -8.62 -4.42
CA SER D 9 33.07 -10.03 -4.69
C SER D 9 32.60 -10.81 -3.48
N LEU D 10 31.96 -11.94 -3.74
CA LEU D 10 31.49 -12.85 -2.70
C LEU D 10 32.38 -14.08 -2.81
N PHE D 11 33.40 -14.16 -1.97
CA PHE D 11 34.30 -15.30 -2.03
C PHE D 11 33.66 -16.57 -1.52
N THR D 12 34.37 -17.69 -1.64
CA THR D 12 33.85 -18.97 -1.20
C THR D 12 33.32 -18.93 0.24
N GLY D 13 32.10 -19.42 0.40
CA GLY D 13 31.48 -19.44 1.71
C GLY D 13 30.73 -18.17 2.08
N HIS D 14 30.97 -17.07 1.36
CA HIS D 14 30.30 -15.79 1.67
C HIS D 14 28.87 -15.76 1.17
N SER D 15 28.04 -14.96 1.81
CA SER D 15 26.64 -14.86 1.42
C SER D 15 25.94 -13.55 1.79
N LEU D 16 24.81 -13.30 1.15
CA LEU D 16 23.98 -12.13 1.42
C LEU D 16 22.77 -12.74 2.11
N GLU D 17 22.15 -11.99 3.03
CA GLU D 17 21.00 -12.53 3.74
C GLU D 17 19.98 -11.46 4.00
N VAL D 18 18.70 -11.82 3.84
CA VAL D 18 17.63 -10.87 4.07
C VAL D 18 16.42 -11.65 4.57
N GLY D 19 15.56 -10.98 5.32
CA GLY D 19 14.36 -11.62 5.82
C GLY D 19 13.39 -11.90 4.68
N PRO D 20 12.44 -12.83 4.87
CA PRO D 20 12.25 -13.63 6.09
C PRO D 20 13.28 -14.73 6.39
N SER D 21 13.72 -15.44 5.37
CA SER D 21 14.68 -16.52 5.61
C SER D 21 15.48 -16.82 4.35
N TYR D 22 16.01 -15.76 3.74
CA TYR D 22 16.76 -15.87 2.50
C TYR D 22 18.28 -15.72 2.66
N ARG D 23 19.02 -16.58 1.94
CA ARG D 23 20.48 -16.56 1.97
C ARG D 23 21.04 -16.88 0.59
N LEU D 24 21.79 -15.96 0.01
CA LEU D 24 22.38 -16.16 -1.30
C LEU D 24 23.84 -16.46 -1.03
N ILE D 25 24.24 -17.71 -1.23
CA ILE D 25 25.61 -18.10 -0.93
C ILE D 25 26.49 -18.58 -2.08
N MET D 26 27.79 -18.21 -2.01
CA MET D 26 28.78 -18.64 -3.00
C MET D 26 29.44 -19.84 -2.31
N GLN D 27 28.95 -21.04 -2.64
CA GLN D 27 29.46 -22.26 -2.03
C GLN D 27 30.85 -22.68 -2.44
N GLY D 28 31.42 -23.60 -1.67
CA GLY D 28 32.76 -24.08 -1.94
C GLY D 28 32.84 -24.96 -3.17
N ASP D 29 31.71 -25.48 -3.62
CA ASP D 29 31.68 -26.34 -4.80
C ASP D 29 31.50 -25.52 -6.08
N CYS D 30 31.51 -24.19 -5.92
CA CYS D 30 31.36 -23.21 -7.00
C CYS D 30 29.92 -22.98 -7.43
N ASN D 31 28.99 -23.58 -6.71
CA ASN D 31 27.61 -23.43 -7.06
C ASN D 31 27.07 -22.21 -6.35
N PHE D 32 26.56 -21.27 -7.14
CA PHE D 32 26.00 -20.06 -6.57
C PHE D 32 24.49 -20.29 -6.44
N VAL D 33 24.03 -20.51 -5.21
CA VAL D 33 22.63 -20.80 -4.93
C VAL D 33 21.88 -19.94 -3.90
N LEU D 34 20.58 -19.77 -4.15
CA LEU D 34 19.70 -19.00 -3.28
C LEU D 34 18.88 -19.94 -2.41
N TYR D 35 19.03 -19.82 -1.09
CA TYR D 35 18.29 -20.67 -0.16
C TYR D 35 17.10 -20.00 0.50
N ASP D 36 16.01 -20.74 0.64
CA ASP D 36 14.82 -20.25 1.29
C ASP D 36 14.51 -21.24 2.42
N SER D 37 14.94 -20.88 3.64
CA SER D 37 14.75 -21.71 4.83
C SER D 37 15.39 -23.09 4.67
N GLY D 38 16.50 -23.17 3.96
CA GLY D 38 17.14 -24.48 3.80
C GLY D 38 16.77 -25.13 2.48
N LYS D 39 15.84 -24.51 1.75
CA LYS D 39 15.40 -25.01 0.45
C LYS D 39 16.02 -24.23 -0.70
N PRO D 40 16.75 -24.92 -1.58
CA PRO D 40 17.36 -24.21 -2.72
C PRO D 40 16.27 -23.84 -3.74
N VAL D 41 16.02 -22.54 -3.87
CA VAL D 41 15.00 -22.03 -4.80
C VAL D 41 15.61 -21.53 -6.11
N TRP D 42 16.93 -21.34 -6.12
CA TRP D 42 17.62 -20.88 -7.31
C TRP D 42 19.12 -21.22 -7.24
N ALA D 43 19.75 -21.44 -8.39
CA ALA D 43 21.18 -21.75 -8.44
C ALA D 43 21.82 -21.53 -9.82
N SER D 44 23.12 -21.26 -9.84
CA SER D 44 23.83 -21.07 -11.10
C SER D 44 24.09 -22.43 -11.74
N ASN D 45 23.84 -23.50 -10.97
CA ASN D 45 24.03 -24.87 -11.45
C ASN D 45 25.46 -25.16 -11.83
N THR D 46 26.42 -24.49 -11.22
CA THR D 46 27.83 -24.70 -11.55
C THR D 46 28.53 -25.53 -10.47
N GLY D 47 27.74 -26.21 -9.64
CA GLY D 47 28.29 -27.04 -8.59
C GLY D 47 29.27 -28.08 -9.10
N GLY D 48 30.50 -28.03 -8.58
CA GLY D 48 31.53 -28.98 -8.98
C GLY D 48 32.35 -28.58 -10.20
N LEU D 49 32.12 -27.38 -10.73
CA LEU D 49 32.84 -26.92 -11.92
C LEU D 49 34.15 -26.19 -11.62
N GLY D 50 34.40 -25.90 -10.34
CA GLY D 50 35.62 -25.23 -9.97
C GLY D 50 35.93 -25.28 -8.48
N SER D 51 37.10 -24.75 -8.12
CA SER D 51 37.54 -24.71 -6.73
C SER D 51 37.88 -23.27 -6.36
N GLY D 52 37.62 -22.90 -5.11
CA GLY D 52 37.91 -21.54 -4.68
C GLY D 52 37.24 -20.48 -5.51
N CYS D 53 35.97 -20.69 -5.85
CA CYS D 53 35.23 -19.73 -6.65
C CYS D 53 34.84 -18.48 -5.87
N ARG D 54 34.59 -17.41 -6.63
CA ARG D 54 34.15 -16.13 -6.08
C ARG D 54 33.16 -15.54 -7.08
N LEU D 55 32.18 -14.80 -6.58
CA LEU D 55 31.20 -14.17 -7.44
C LEU D 55 31.56 -12.70 -7.46
N THR D 56 31.99 -12.22 -8.62
CA THR D 56 32.37 -10.82 -8.81
C THR D 56 31.35 -10.03 -9.65
N LEU D 57 30.94 -8.88 -9.16
CA LEU D 57 30.04 -8.02 -9.90
C LEU D 57 30.93 -6.88 -10.41
N HIS D 58 31.23 -6.86 -11.70
CA HIS D 58 32.08 -5.81 -12.28
C HIS D 58 31.39 -4.46 -12.40
N ASN D 59 32.18 -3.40 -12.60
CA ASN D 59 31.62 -2.05 -12.73
C ASN D 59 30.79 -1.86 -14.01
N ASN D 60 30.76 -2.85 -14.89
CA ASN D 60 29.98 -2.73 -16.12
C ASN D 60 28.67 -3.51 -16.05
N GLY D 61 28.35 -4.01 -14.87
CA GLY D 61 27.10 -4.75 -14.69
C GLY D 61 27.15 -6.25 -14.93
N ASN D 62 28.30 -6.75 -15.36
CA ASN D 62 28.44 -8.18 -15.59
C ASN D 62 28.77 -8.92 -14.28
N LEU D 63 27.94 -9.91 -13.95
CA LEU D 63 28.12 -10.71 -12.75
C LEU D 63 28.81 -12.02 -13.20
N VAL D 64 30.02 -12.26 -12.71
CA VAL D 64 30.80 -13.45 -13.11
C VAL D 64 31.29 -14.37 -11.98
N ILE D 65 31.30 -15.68 -12.24
CA ILE D 65 31.81 -16.65 -11.26
C ILE D 65 33.16 -17.13 -11.79
N TYR D 66 34.22 -16.89 -11.03
CA TYR D 66 35.58 -17.29 -11.42
C TYR D 66 36.08 -18.41 -10.49
N ASP D 67 36.80 -19.39 -11.05
CA ASP D 67 37.34 -20.46 -10.21
C ASP D 67 38.62 -19.92 -9.57
N GLN D 68 39.38 -20.78 -8.91
CA GLN D 68 40.62 -20.36 -8.25
C GLN D 68 41.72 -20.01 -9.26
N SER D 69 41.55 -20.45 -10.52
CA SER D 69 42.53 -20.16 -11.57
C SER D 69 42.03 -19.07 -12.53
N ASN D 70 41.08 -18.27 -12.06
CA ASN D 70 40.48 -17.17 -12.83
C ASN D 70 39.76 -17.56 -14.11
N ARG D 71 39.19 -18.75 -14.13
CA ARG D 71 38.45 -19.22 -15.31
C ARG D 71 36.98 -18.82 -15.19
N VAL D 72 36.43 -18.28 -16.26
CA VAL D 72 35.03 -17.86 -16.28
C VAL D 72 34.14 -19.09 -16.25
N ILE D 73 33.64 -19.42 -15.07
CA ILE D 73 32.76 -20.58 -14.86
C ILE D 73 31.30 -20.26 -15.19
N TRP D 74 30.90 -19.01 -14.95
CA TRP D 74 29.52 -18.58 -15.16
C TRP D 74 29.48 -17.06 -15.23
N GLN D 75 28.50 -16.52 -15.94
CA GLN D 75 28.36 -15.08 -16.08
C GLN D 75 26.99 -14.75 -16.64
N THR D 76 26.44 -13.63 -16.18
CA THR D 76 25.13 -13.18 -16.66
C THR D 76 25.36 -12.48 -18.00
N LYS D 77 26.62 -12.10 -18.25
CA LYS D 77 27.06 -11.42 -19.47
C LYS D 77 26.31 -10.11 -19.71
N THR D 78 25.76 -9.55 -18.65
CA THR D 78 24.97 -8.33 -18.74
C THR D 78 25.85 -7.11 -18.51
N ASN D 79 26.96 -7.06 -19.22
CA ASN D 79 27.86 -5.93 -19.04
C ASN D 79 27.53 -4.80 -20.02
N GLY D 80 27.45 -3.58 -19.50
CA GLY D 80 27.17 -2.43 -20.34
C GLY D 80 28.06 -1.28 -19.95
N LYS D 81 27.43 -0.12 -19.72
CA LYS D 81 28.16 1.08 -19.32
C LYS D 81 29.03 0.93 -18.08
N GLU D 82 30.31 1.23 -18.26
CA GLU D 82 31.30 1.19 -17.20
C GLU D 82 30.96 2.27 -16.18
N ASP D 83 30.37 1.86 -15.06
CA ASP D 83 29.98 2.81 -14.01
C ASP D 83 30.12 2.06 -12.68
N HIS D 84 29.00 1.92 -11.97
CA HIS D 84 28.95 1.21 -10.69
C HIS D 84 27.57 0.59 -10.59
N TYR D 85 27.51 -0.68 -10.21
CA TYR D 85 26.25 -1.41 -10.09
C TYR D 85 26.12 -2.07 -8.72
N VAL D 86 24.99 -2.72 -8.48
CA VAL D 86 24.75 -3.41 -7.22
C VAL D 86 23.93 -4.69 -7.41
N LEU D 87 24.25 -5.72 -6.62
CA LEU D 87 23.53 -7.00 -6.67
C LEU D 87 22.71 -7.02 -5.38
N VAL D 88 21.38 -7.07 -5.50
CA VAL D 88 20.53 -7.05 -4.31
C VAL D 88 19.61 -8.26 -4.05
N LEU D 89 19.81 -8.90 -2.89
CA LEU D 89 18.95 -10.01 -2.49
C LEU D 89 17.81 -9.28 -1.78
N GLN D 90 16.64 -9.34 -2.38
CA GLN D 90 15.45 -8.67 -1.86
C GLN D 90 14.52 -9.49 -0.95
N GLN D 91 13.78 -8.79 -0.09
CA GLN D 91 12.86 -9.42 0.83
C GLN D 91 11.73 -10.16 0.09
N ASP D 92 11.55 -9.82 -1.19
CA ASP D 92 10.53 -10.48 -2.00
C ASP D 92 11.18 -11.71 -2.63
N ARG D 93 12.39 -11.98 -2.16
CA ARG D 93 13.21 -13.13 -2.57
C ARG D 93 13.81 -13.08 -3.97
N ASN D 94 13.63 -11.99 -4.70
CA ASN D 94 14.19 -11.90 -6.04
C ASN D 94 15.60 -11.31 -5.92
N VAL D 95 16.54 -11.83 -6.70
CA VAL D 95 17.90 -11.30 -6.65
C VAL D 95 18.14 -10.47 -7.91
N VAL D 96 18.31 -9.17 -7.71
CA VAL D 96 18.46 -8.23 -8.82
C VAL D 96 19.76 -7.43 -8.89
N ILE D 97 20.19 -7.13 -10.12
CA ILE D 97 21.37 -6.32 -10.39
C ILE D 97 20.83 -4.97 -10.90
N TYR D 98 21.20 -3.87 -10.24
CA TYR D 98 20.76 -2.55 -10.66
C TYR D 98 21.97 -1.67 -11.06
N GLY D 99 21.73 -0.70 -11.93
CA GLY D 99 22.80 0.19 -12.36
C GLY D 99 22.52 0.92 -13.66
N PRO D 100 23.28 2.00 -13.98
CA PRO D 100 24.38 2.55 -13.19
C PRO D 100 23.90 3.31 -11.94
N VAL D 101 24.79 4.12 -11.36
CA VAL D 101 24.47 4.91 -10.19
C VAL D 101 23.62 6.12 -10.65
N VAL D 102 22.57 6.45 -9.91
CA VAL D 102 21.72 7.57 -10.28
C VAL D 102 21.92 8.73 -9.32
N TRP D 103 22.24 8.39 -8.07
CA TRP D 103 22.43 9.40 -7.02
C TRP D 103 23.11 8.74 -5.83
N ALA D 104 23.77 9.55 -5.01
CA ALA D 104 24.46 9.06 -3.81
C ALA D 104 24.55 10.21 -2.83
N THR D 105 24.69 9.89 -1.55
CA THR D 105 24.78 10.92 -0.51
C THR D 105 26.20 11.51 -0.42
N GLY D 106 27.20 10.74 -0.83
CA GLY D 106 28.57 11.19 -0.74
C GLY D 106 29.05 11.03 0.69
N SER D 107 28.24 10.32 1.49
CA SER D 107 28.59 10.08 2.87
C SER D 107 29.72 9.07 2.91
N GLY D 108 29.92 8.32 1.83
CA GLY D 108 30.99 7.34 1.76
C GLY D 108 31.72 7.55 0.42
N PRO D 109 32.71 6.71 0.06
CA PRO D 109 33.21 5.57 0.81
C PRO D 109 34.01 6.02 2.00
#